data_8DC1
#
_entry.id   8DC1
#
_cell.length_a   44.141
_cell.length_b   74.862
_cell.length_c   113.470
_cell.angle_alpha   90.00
_cell.angle_beta   90.00
_cell.angle_gamma   90.00
#
_symmetry.space_group_name_H-M   'P 21 21 21'
#
loop_
_entity.id
_entity.type
_entity.pdbx_description
1 polymer Lsa45
2 non-polymer DI(HYDROXYETHYL)ETHER
3 non-polymer 'IODIDE ION'
4 non-polymer 1,2-ETHANEDIOL
5 water water
#
_entity_poly.entity_id   1
_entity_poly.type   'polypeptide(L)'
_entity_poly.pdbx_seq_one_letter_code
;RTPFEGFSVVLPEDADLDSAPLVRLSKSIREEGLEVRSLLILKDGKLVMERYAGGVTRNHNHSVYSVTKTVTSTLLGILN
FEGVLKNVDEPVMDSLRSLGNLPFPLLEGKESLRLRDVLHMASGMRWSEFPEREDIRTAEDPLVIALLPEVKDKPGTKFD
YSNGDSQLAAAVLENKSGSTLLQFAEKTLFSWLDFKDYEWYTSPSGRQTAGFGLRLRPVDMLKLGILYLNNGNYKGKKIL
KPDWIRQAIKPGASQNYGYQLWTHQFEGKKTFMANGKGSQFVYVIPHRRMVIVVTSAIWDKPINFLLDKILENVKEALDS
KDKKKIPEKETRFLEEIHEASL
;
_entity_poly.pdbx_strand_id   A
#
# COMPACT_ATOMS: atom_id res chain seq x y z
N ARG A 1 11.44 -21.67 13.35
CA ARG A 1 12.30 -21.26 12.18
C ARG A 1 11.82 -21.95 10.89
N THR A 2 10.62 -22.54 10.89
CA THR A 2 10.06 -23.16 9.69
C THR A 2 9.73 -22.06 8.67
N PRO A 3 10.24 -22.16 7.42
CA PRO A 3 10.03 -21.11 6.42
C PRO A 3 8.54 -20.92 6.11
N PHE A 4 8.14 -19.68 5.87
CA PHE A 4 6.75 -19.30 5.74
C PHE A 4 6.59 -18.66 4.35
N GLU A 5 6.08 -19.47 3.41
CA GLU A 5 5.78 -19.09 2.03
C GLU A 5 6.95 -18.44 1.31
N GLY A 6 8.11 -19.09 1.38
CA GLY A 6 9.35 -18.58 0.83
C GLY A 6 10.26 -17.89 1.83
N PHE A 7 9.67 -17.28 2.87
CA PHE A 7 10.42 -16.48 3.83
C PHE A 7 11.06 -17.31 4.94
N SER A 8 12.37 -17.12 5.11
CA SER A 8 13.08 -17.61 6.29
C SER A 8 12.63 -16.79 7.48
N VAL A 9 12.46 -17.46 8.62
CA VAL A 9 12.04 -16.84 9.85
C VAL A 9 13.21 -16.96 10.81
N VAL A 10 13.69 -15.80 11.30
CA VAL A 10 14.92 -15.73 12.07
C VAL A 10 14.82 -14.74 13.23
N LEU A 11 15.84 -14.74 14.09
CA LEU A 11 15.94 -13.72 15.14
C LEU A 11 16.51 -12.43 14.56
N PRO A 12 16.15 -11.25 15.10
CA PRO A 12 16.73 -9.98 14.63
C PRO A 12 18.26 -10.06 14.48
N GLU A 13 18.92 -10.69 15.45
CA GLU A 13 20.38 -10.78 15.46
C GLU A 13 20.94 -11.50 14.22
N ASP A 14 20.15 -12.42 13.65
CA ASP A 14 20.54 -13.13 12.44
C ASP A 14 20.56 -12.23 11.21
N ALA A 15 19.95 -11.04 11.31
CA ALA A 15 19.95 -10.04 10.25
C ALA A 15 20.62 -8.74 10.69
N ASP A 16 21.58 -8.86 11.62
CA ASP A 16 22.33 -7.71 12.13
C ASP A 16 21.45 -6.62 12.78
N LEU A 17 20.41 -7.05 13.48
CA LEU A 17 19.57 -6.18 14.31
C LEU A 17 19.66 -6.59 15.77
N ASP A 18 19.76 -5.60 16.67
CA ASP A 18 19.63 -5.86 18.09
C ASP A 18 18.15 -6.08 18.38
N SER A 19 17.80 -7.22 19.00
CA SER A 19 16.42 -7.50 19.31
C SER A 19 15.87 -6.66 20.45
N ALA A 20 16.73 -6.15 21.33
CA ALA A 20 16.29 -5.43 22.52
C ALA A 20 15.40 -4.24 22.19
N PRO A 21 15.77 -3.36 21.24
CA PRO A 21 14.91 -2.24 20.86
C PRO A 21 13.59 -2.71 20.23
N LEU A 22 13.57 -3.90 19.63
CA LEU A 22 12.35 -4.43 19.07
C LEU A 22 11.42 -4.96 20.16
N VAL A 23 12.01 -5.51 21.23
CA VAL A 23 11.25 -5.91 22.42
C VAL A 23 10.59 -4.67 23.04
N ARG A 24 11.39 -3.62 23.23
CA ARG A 24 10.93 -2.32 23.80
C ARG A 24 9.80 -1.76 22.93
N LEU A 25 9.93 -1.82 21.59
CA LEU A 25 8.91 -1.35 20.69
C LEU A 25 7.57 -2.05 20.99
N SER A 26 7.64 -3.38 21.14
CA SER A 26 6.47 -4.23 21.27
C SER A 26 5.80 -3.99 22.62
N LYS A 27 6.62 -3.80 23.66
CA LYS A 27 6.15 -3.50 25.02
C LYS A 27 5.45 -2.14 25.07
N SER A 28 6.07 -1.14 24.42
CA SER A 28 5.52 0.22 24.32
C SER A 28 4.17 0.27 23.62
N ILE A 29 4.00 -0.57 22.58
CA ILE A 29 2.72 -0.70 21.90
C ILE A 29 1.63 -1.12 22.88
N ARG A 30 1.93 -2.16 23.66
CA ARG A 30 1.02 -2.72 24.69
C ARG A 30 0.71 -1.68 25.77
N GLU A 31 1.75 -1.08 26.37
CA GLU A 31 1.50 -0.26 27.56
C GLU A 31 0.92 1.12 27.20
N GLU A 32 1.03 1.51 25.92
CA GLU A 32 0.35 2.70 25.40
C GLU A 32 -1.05 2.40 24.84
N GLY A 33 -1.48 1.14 24.93
CA GLY A 33 -2.78 0.69 24.48
C GLY A 33 -3.05 0.88 23.00
N LEU A 34 -2.01 0.69 22.19
CA LEU A 34 -2.10 0.85 20.74
C LEU A 34 -2.57 -0.46 20.10
N GLU A 35 -3.66 -0.38 19.33
CA GLU A 35 -4.31 -1.54 18.76
C GLU A 35 -3.58 -1.96 17.47
N VAL A 36 -2.40 -2.56 17.61
CA VAL A 36 -1.61 -3.03 16.44
C VAL A 36 -1.84 -4.53 16.28
N ARG A 37 -2.54 -4.91 15.21
CA ARG A 37 -2.97 -6.32 14.95
C ARG A 37 -1.78 -7.11 14.40
N SER A 38 -0.97 -6.51 13.53
CA SER A 38 0.20 -7.17 12.95
C SER A 38 1.33 -6.18 12.77
N LEU A 39 2.56 -6.65 12.99
CA LEU A 39 3.76 -5.88 12.75
C LEU A 39 4.82 -6.88 12.29
N LEU A 40 5.17 -6.78 11.02
CA LEU A 40 6.12 -7.67 10.36
C LEU A 40 7.28 -6.83 9.90
N ILE A 41 8.49 -7.34 10.11
CA ILE A 41 9.70 -6.71 9.66
C ILE A 41 10.52 -7.73 8.91
N LEU A 42 10.83 -7.40 7.66
CA LEU A 42 11.69 -8.17 6.78
C LEU A 42 12.98 -7.41 6.55
N LYS A 43 14.11 -8.10 6.64
CA LYS A 43 15.41 -7.51 6.34
C LYS A 43 16.28 -8.55 5.64
N ASP A 44 16.86 -8.14 4.49
CA ASP A 44 17.74 -9.00 3.69
C ASP A 44 17.03 -10.32 3.35
N GLY A 45 15.71 -10.23 3.12
CA GLY A 45 14.88 -11.36 2.75
C GLY A 45 14.44 -12.27 3.88
N LYS A 46 14.77 -11.89 5.11
CA LYS A 46 14.48 -12.69 6.28
C LYS A 46 13.44 -11.99 7.14
N LEU A 47 12.47 -12.79 7.63
CA LEU A 47 11.40 -12.28 8.45
C LEU A 47 11.89 -12.31 9.88
N VAL A 48 12.29 -11.14 10.39
CA VAL A 48 12.89 -11.00 11.70
C VAL A 48 11.93 -10.64 12.84
N MET A 49 10.71 -10.24 12.51
CA MET A 49 9.69 -9.97 13.51
C MET A 49 8.36 -10.24 12.88
N GLU A 50 7.53 -11.01 13.59
CA GLU A 50 6.18 -11.34 13.15
C GLU A 50 5.28 -11.29 14.36
N ARG A 51 4.80 -10.09 14.68
CA ARG A 51 4.06 -9.81 15.94
C ARG A 51 2.57 -9.72 15.62
N TYR A 52 1.77 -10.66 16.13
CA TYR A 52 0.29 -10.64 16.01
C TYR A 52 -0.34 -10.36 17.39
N ALA A 53 -1.45 -9.60 17.39
CA ALA A 53 -2.24 -9.33 18.58
C ALA A 53 -3.13 -10.51 18.96
N GLY A 54 -3.80 -10.37 20.10
CA GLY A 54 -4.75 -11.34 20.58
C GLY A 54 -5.77 -11.66 19.50
N GLY A 55 -5.93 -12.95 19.21
CA GLY A 55 -6.91 -13.44 18.27
C GLY A 55 -6.41 -13.49 16.83
N VAL A 56 -5.44 -12.62 16.49
CA VAL A 56 -4.92 -12.52 15.14
C VAL A 56 -3.87 -13.60 14.87
N THR A 57 -4.01 -14.26 13.71
CA THR A 57 -3.08 -15.28 13.26
C THR A 57 -2.59 -14.87 11.89
N ARG A 58 -1.59 -15.60 11.42
CA ARG A 58 -0.92 -15.45 10.11
C ARG A 58 -1.96 -15.42 8.98
N ASN A 59 -3.04 -16.19 9.09
CA ASN A 59 -3.98 -16.29 7.99
C ASN A 59 -5.17 -15.34 8.00
N HIS A 60 -5.32 -14.56 9.08
CA HIS A 60 -6.35 -13.54 9.08
C HIS A 60 -6.02 -12.43 8.08
N ASN A 61 -7.05 -11.92 7.43
CA ASN A 61 -6.92 -10.70 6.65
C ASN A 61 -7.36 -9.49 7.43
N HIS A 62 -7.01 -8.32 6.88
CA HIS A 62 -7.28 -7.03 7.51
C HIS A 62 -7.65 -6.01 6.49
N SER A 63 -8.60 -5.14 6.82
CA SER A 63 -8.89 -3.98 5.99
C SER A 63 -7.63 -3.12 5.91
N VAL A 64 -7.21 -2.80 4.68
CA VAL A 64 -5.98 -2.03 4.47
C VAL A 64 -6.24 -0.60 4.06
N TYR A 65 -7.52 -0.26 3.86
CA TYR A 65 -7.97 1.13 3.56
C TYR A 65 -7.14 1.66 2.37
N SER A 66 -6.48 2.81 2.52
CA SER A 66 -5.76 3.44 1.41
C SER A 66 -4.56 2.67 0.85
N VAL A 67 -4.13 1.60 1.53
CA VAL A 67 -3.14 0.71 0.89
C VAL A 67 -3.70 0.19 -0.43
N THR A 68 -5.02 0.09 -0.52
CA THR A 68 -5.72 -0.30 -1.74
C THR A 68 -5.29 0.58 -2.92
N LYS A 69 -5.09 1.88 -2.67
CA LYS A 69 -4.67 2.82 -3.73
C LYS A 69 -3.37 2.36 -4.39
N THR A 70 -2.41 1.95 -3.56
CA THR A 70 -1.13 1.47 -4.05
C THR A 70 -1.29 0.19 -4.87
N VAL A 71 -2.21 -0.68 -4.46
CA VAL A 71 -2.49 -1.88 -5.25
C VAL A 71 -3.05 -1.46 -6.62
N THR A 72 -4.01 -0.55 -6.64
CA THR A 72 -4.53 -0.02 -7.90
C THR A 72 -3.39 0.48 -8.83
N SER A 73 -2.47 1.29 -8.29
CA SER A 73 -1.35 1.80 -9.06
C SER A 73 -0.45 0.66 -9.57
N THR A 74 -0.21 -0.33 -8.70
CA THR A 74 0.59 -1.51 -9.07
C THR A 74 -0.03 -2.24 -10.26
N LEU A 75 -1.35 -2.38 -10.26
CA LEU A 75 -2.03 -3.04 -11.35
C LEU A 75 -1.87 -2.28 -12.68
N LEU A 76 -1.97 -0.94 -12.64
CA LEU A 76 -1.67 -0.13 -13.84
C LEU A 76 -0.21 -0.35 -14.29
N GLY A 77 0.70 -0.43 -13.32
CA GLY A 77 2.09 -0.77 -13.58
C GLY A 77 2.27 -2.05 -14.33
N ILE A 78 1.50 -3.07 -13.96
CA ILE A 78 1.54 -4.35 -14.63
C ILE A 78 1.05 -4.19 -16.09
N LEU A 79 -0.01 -3.40 -16.30
CA LEU A 79 -0.48 -3.13 -17.67
C LEU A 79 0.62 -2.43 -18.49
N ASN A 80 1.38 -1.55 -17.85
CA ASN A 80 2.54 -0.92 -18.48
C ASN A 80 3.65 -1.93 -18.82
N PHE A 81 3.94 -2.85 -17.90
CA PHE A 81 4.91 -3.92 -18.15
C PHE A 81 4.49 -4.79 -19.36
N GLU A 82 3.18 -5.04 -19.47
CA GLU A 82 2.63 -5.87 -20.50
C GLU A 82 2.57 -5.14 -21.84
N GLY A 83 2.80 -3.81 -21.80
CA GLY A 83 2.86 -2.97 -22.97
C GLY A 83 1.54 -2.37 -23.42
N VAL A 84 0.47 -2.76 -22.73
CA VAL A 84 -0.90 -2.32 -23.05
C VAL A 84 -1.07 -0.83 -22.74
N LEU A 85 -0.52 -0.42 -21.60
CA LEU A 85 -0.54 0.97 -21.13
C LEU A 85 0.80 1.55 -21.44
N LYS A 86 0.89 2.32 -22.51
CA LYS A 86 2.19 2.77 -22.95
C LYS A 86 2.63 4.02 -22.25
N ASN A 87 1.64 4.87 -21.88
CA ASN A 87 1.89 6.25 -21.56
C ASN A 87 0.93 6.80 -20.51
N VAL A 88 1.48 7.28 -19.39
CA VAL A 88 0.70 7.95 -18.35
C VAL A 88 0.14 9.30 -18.78
N ASP A 89 0.53 9.83 -19.94
CA ASP A 89 -0.03 11.11 -20.38
C ASP A 89 -1.29 10.96 -21.21
N GLU A 90 -1.73 9.74 -21.46
CA GLU A 90 -2.93 9.56 -22.26
C GLU A 90 -4.13 10.05 -21.45
N PRO A 91 -5.05 10.80 -22.10
CA PRO A 91 -6.27 11.28 -21.45
C PRO A 91 -7.13 10.12 -20.91
N VAL A 92 -7.56 10.26 -19.66
CA VAL A 92 -8.44 9.33 -19.02
C VAL A 92 -9.74 9.22 -19.86
N MET A 93 -10.12 10.33 -20.51
CA MET A 93 -11.32 10.38 -21.31
C MET A 93 -11.37 9.30 -22.38
N ASP A 94 -10.21 8.94 -22.96
CA ASP A 94 -10.19 7.92 -24.01
C ASP A 94 -10.74 6.61 -23.43
N SER A 95 -10.38 6.30 -22.18
CA SER A 95 -10.83 5.09 -21.52
C SER A 95 -12.30 5.21 -21.10
N LEU A 96 -12.70 6.37 -20.57
CA LEU A 96 -14.10 6.59 -20.17
C LEU A 96 -15.05 6.41 -21.36
N ARG A 97 -14.71 7.01 -22.51
CA ARG A 97 -15.58 6.95 -23.72
C ARG A 97 -15.67 5.51 -24.19
N SER A 98 -14.56 4.78 -24.12
CA SER A 98 -14.51 3.40 -24.55
C SER A 98 -15.31 2.44 -23.67
N LEU A 99 -15.28 2.62 -22.35
CA LEU A 99 -16.14 1.92 -21.40
C LEU A 99 -17.60 2.17 -21.73
N GLY A 100 -17.92 3.43 -21.98
CA GLY A 100 -19.27 3.85 -22.33
C GLY A 100 -20.28 3.71 -21.19
N ASN A 101 -21.56 3.87 -21.54
CA ASN A 101 -22.68 3.86 -20.60
C ASN A 101 -22.51 4.96 -19.55
N LEU A 102 -21.79 6.02 -19.89
CA LEU A 102 -21.53 7.17 -18.95
C LEU A 102 -22.16 8.41 -19.58
N PRO A 103 -23.30 8.93 -19.04
CA PRO A 103 -23.93 10.10 -19.63
C PRO A 103 -22.97 11.27 -19.80
N PHE A 104 -23.14 12.02 -20.89
CA PHE A 104 -22.28 13.11 -21.21
C PHE A 104 -22.05 14.10 -20.06
N PRO A 105 -23.06 14.45 -19.24
CA PRO A 105 -22.80 15.38 -18.12
C PRO A 105 -21.71 14.89 -17.15
N LEU A 106 -21.47 13.58 -17.05
CA LEU A 106 -20.37 13.06 -16.27
C LEU A 106 -19.00 13.28 -16.93
N LEU A 107 -18.98 13.40 -18.25
CA LEU A 107 -17.75 13.48 -19.04
C LEU A 107 -17.31 14.90 -19.35
N GLU A 108 -18.29 15.80 -19.45
CA GLU A 108 -18.06 17.19 -19.79
C GLU A 108 -17.02 17.83 -18.89
N GLY A 109 -16.03 18.49 -19.51
CA GLY A 109 -14.98 19.21 -18.82
C GLY A 109 -13.77 18.40 -18.39
N LYS A 110 -13.78 17.09 -18.66
CA LYS A 110 -12.71 16.20 -18.18
C LYS A 110 -11.74 15.76 -19.29
N GLU A 111 -11.80 16.43 -20.44
CA GLU A 111 -11.05 16.03 -21.63
C GLU A 111 -9.52 16.14 -21.46
N SER A 112 -9.06 16.99 -20.54
CA SER A 112 -7.63 17.22 -20.31
C SER A 112 -6.95 16.35 -19.25
N LEU A 113 -7.72 15.62 -18.46
CA LEU A 113 -7.19 14.78 -17.38
C LEU A 113 -6.35 13.67 -17.95
N ARG A 114 -5.09 13.59 -17.51
CA ARG A 114 -4.14 12.50 -17.89
C ARG A 114 -4.16 11.44 -16.79
N LEU A 115 -3.77 10.22 -17.11
CA LEU A 115 -3.65 9.21 -16.09
C LEU A 115 -2.71 9.71 -14.97
N ARG A 116 -1.59 10.35 -15.34
CA ARG A 116 -0.60 10.89 -14.39
C ARG A 116 -1.32 11.79 -13.37
N ASP A 117 -2.27 12.61 -13.83
CA ASP A 117 -2.92 13.58 -12.95
C ASP A 117 -3.75 12.91 -11.86
N VAL A 118 -4.50 11.87 -12.23
CA VAL A 118 -5.28 11.13 -11.25
C VAL A 118 -4.39 10.27 -10.31
N LEU A 119 -3.32 9.68 -10.85
CA LEU A 119 -2.41 8.91 -10.04
C LEU A 119 -1.81 9.79 -8.94
N HIS A 120 -1.52 11.05 -9.28
CA HIS A 120 -0.94 12.04 -8.37
C HIS A 120 -1.91 12.67 -7.36
N MET A 121 -3.20 12.30 -7.43
CA MET A 121 -4.27 12.94 -6.66
C MET A 121 -4.29 14.42 -7.01
N ALA A 122 -4.18 14.71 -8.31
CA ALA A 122 -4.13 16.07 -8.81
C ALA A 122 -5.11 16.33 -9.96
N SER A 123 -6.26 15.68 -9.92
CA SER A 123 -7.25 15.88 -10.99
C SER A 123 -7.78 17.31 -11.12
N GLY A 124 -7.77 18.07 -10.01
CA GLY A 124 -8.37 19.38 -9.97
C GLY A 124 -9.84 19.38 -9.65
N MET A 125 -10.36 18.23 -9.19
CA MET A 125 -11.80 18.07 -8.96
C MET A 125 -12.27 18.34 -7.53
N ARG A 126 -11.39 18.86 -6.69
CA ARG A 126 -11.73 19.34 -5.31
C ARG A 126 -12.60 18.32 -4.57
N TRP A 127 -12.14 17.07 -4.51
CA TRP A 127 -12.88 15.99 -3.84
C TRP A 127 -13.21 16.39 -2.39
N SER A 128 -12.27 17.09 -1.74
CA SER A 128 -12.44 17.55 -0.37
C SER A 128 -13.61 18.49 -0.14
N GLU A 129 -14.09 19.13 -1.23
CA GLU A 129 -15.21 20.05 -1.22
C GLU A 129 -16.48 19.46 -1.84
N PHE A 130 -16.42 18.18 -2.24
CA PHE A 130 -17.53 17.52 -2.95
C PHE A 130 -18.46 16.93 -1.90
N PRO A 131 -19.68 17.47 -1.66
CA PRO A 131 -20.50 17.03 -0.52
C PRO A 131 -20.85 15.54 -0.52
N GLU A 132 -20.93 14.92 -1.70
CA GLU A 132 -21.36 13.54 -1.80
C GLU A 132 -20.21 12.55 -1.94
N ARG A 133 -19.02 12.96 -1.49
CA ARG A 133 -17.77 12.15 -1.66
C ARG A 133 -17.91 10.78 -0.97
N GLU A 134 -18.65 10.66 0.13
CA GLU A 134 -18.77 9.37 0.83
C GLU A 134 -19.64 8.38 0.06
N ASP A 135 -20.39 8.86 -0.94
CA ASP A 135 -21.28 7.98 -1.68
C ASP A 135 -20.53 6.93 -2.48
N ILE A 136 -19.24 7.18 -2.74
CA ILE A 136 -18.44 6.22 -3.48
C ILE A 136 -18.37 4.85 -2.76
N ARG A 137 -18.52 4.87 -1.44
CA ARG A 137 -18.47 3.66 -0.58
C ARG A 137 -19.72 2.79 -0.72
N THR A 138 -20.87 3.38 -1.06
CA THR A 138 -22.14 2.65 -1.05
C THR A 138 -22.92 2.66 -2.35
N ALA A 139 -22.59 3.56 -3.28
CA ALA A 139 -23.35 3.67 -4.52
C ALA A 139 -23.27 2.41 -5.39
N GLU A 140 -24.26 2.22 -6.25
CA GLU A 140 -24.22 1.16 -7.23
C GLU A 140 -22.94 1.10 -8.06
N ASP A 141 -22.51 2.27 -8.53
CA ASP A 141 -21.38 2.41 -9.46
C ASP A 141 -20.42 3.49 -8.95
N PRO A 142 -19.28 3.11 -8.34
CA PRO A 142 -18.32 4.08 -7.80
C PRO A 142 -17.75 5.01 -8.89
N LEU A 143 -17.67 4.54 -10.13
CA LEU A 143 -17.12 5.39 -11.20
C LEU A 143 -18.05 6.58 -11.47
N VAL A 144 -19.36 6.36 -11.42
CA VAL A 144 -20.34 7.46 -11.60
C VAL A 144 -20.11 8.51 -10.51
N ILE A 145 -19.97 8.07 -9.26
CA ILE A 145 -19.76 9.03 -8.17
C ILE A 145 -18.48 9.85 -8.40
N ALA A 146 -17.41 9.15 -8.80
CA ALA A 146 -16.11 9.74 -9.07
C ALA A 146 -16.17 10.84 -10.15
N LEU A 147 -17.14 10.71 -11.06
CA LEU A 147 -17.30 11.64 -12.16
C LEU A 147 -18.28 12.77 -11.92
N LEU A 148 -18.98 12.77 -10.78
CA LEU A 148 -19.90 13.85 -10.49
C LEU A 148 -19.28 15.24 -10.38
N PRO A 149 -18.12 15.41 -9.73
CA PRO A 149 -17.51 16.74 -9.58
C PRO A 149 -16.99 17.30 -10.91
N GLU A 150 -16.88 18.64 -10.99
CA GLU A 150 -16.25 19.27 -12.14
C GLU A 150 -14.76 19.52 -11.87
N VAL A 151 -14.00 19.55 -12.96
CA VAL A 151 -12.59 19.91 -12.92
C VAL A 151 -12.53 21.41 -12.76
N LYS A 152 -12.00 21.86 -11.62
CA LYS A 152 -11.88 23.27 -11.29
C LYS A 152 -10.44 23.82 -11.29
N ASP A 153 -9.49 23.05 -10.73
CA ASP A 153 -8.06 23.41 -10.81
C ASP A 153 -7.45 22.77 -12.04
N LYS A 154 -6.42 23.42 -12.58
CA LYS A 154 -5.64 22.86 -13.68
C LYS A 154 -5.13 21.48 -13.25
N PRO A 155 -5.46 20.39 -13.98
CA PRO A 155 -4.96 19.07 -13.61
C PRO A 155 -3.43 19.05 -13.48
N GLY A 156 -2.95 18.35 -12.45
CA GLY A 156 -1.54 18.20 -12.18
C GLY A 156 -0.98 19.25 -11.24
N THR A 157 -1.78 20.25 -10.88
CA THR A 157 -1.29 21.41 -10.09
C THR A 157 -1.67 21.41 -8.60
N LYS A 158 -2.82 20.82 -8.24
CA LYS A 158 -3.33 20.91 -6.88
C LYS A 158 -3.53 19.51 -6.33
N PHE A 159 -2.95 19.24 -5.17
CA PHE A 159 -3.12 17.98 -4.50
C PHE A 159 -4.40 17.97 -3.69
N ASP A 160 -5.21 16.93 -3.86
CA ASP A 160 -6.41 16.71 -3.10
C ASP A 160 -6.59 15.19 -3.04
N TYR A 161 -6.35 14.62 -1.86
CA TYR A 161 -6.36 13.17 -1.60
C TYR A 161 -7.77 12.61 -1.84
N SER A 162 -7.95 11.87 -2.92
CA SER A 162 -9.27 11.59 -3.46
C SER A 162 -9.48 10.16 -3.89
N ASN A 163 -10.50 9.53 -3.31
CA ASN A 163 -10.96 8.23 -3.77
C ASN A 163 -11.53 8.30 -5.19
N GLY A 164 -11.98 9.49 -5.59
CA GLY A 164 -12.46 9.69 -6.96
C GLY A 164 -11.33 9.56 -7.97
N ASP A 165 -10.20 10.21 -7.69
CA ASP A 165 -9.02 10.09 -8.55
C ASP A 165 -8.57 8.64 -8.67
N SER A 166 -8.53 7.91 -7.54
CA SER A 166 -8.18 6.50 -7.59
C SER A 166 -9.13 5.72 -8.54
N GLN A 167 -10.43 6.03 -8.45
CA GLN A 167 -11.43 5.34 -9.25
C GLN A 167 -11.26 5.65 -10.75
N LEU A 168 -10.92 6.90 -11.09
CA LEU A 168 -10.66 7.25 -12.47
C LEU A 168 -9.42 6.54 -13.02
N ALA A 169 -8.41 6.37 -12.17
CA ALA A 169 -7.23 5.58 -12.53
C ALA A 169 -7.67 4.13 -12.85
N ALA A 170 -8.57 3.59 -12.04
CA ALA A 170 -9.07 2.23 -12.23
C ALA A 170 -9.88 2.10 -13.49
N ALA A 171 -10.53 3.17 -13.94
CA ALA A 171 -11.28 3.12 -15.22
C ALA A 171 -10.34 2.85 -16.39
N VAL A 172 -9.14 3.44 -16.34
CA VAL A 172 -8.13 3.23 -17.37
C VAL A 172 -7.75 1.74 -17.38
N LEU A 173 -7.57 1.18 -16.18
CA LEU A 173 -7.28 -0.23 -16.04
C LEU A 173 -8.39 -1.10 -16.60
N GLU A 174 -9.63 -0.79 -16.24
CA GLU A 174 -10.77 -1.55 -16.76
C GLU A 174 -10.85 -1.52 -18.26
N ASN A 175 -10.67 -0.34 -18.87
CA ASN A 175 -10.80 -0.29 -20.32
C ASN A 175 -9.66 -1.04 -21.00
N LYS A 176 -8.43 -0.82 -20.53
CA LYS A 176 -7.26 -1.39 -21.19
C LYS A 176 -7.12 -2.89 -20.96
N SER A 177 -7.58 -3.37 -19.80
CA SER A 177 -7.47 -4.78 -19.45
C SER A 177 -8.67 -5.60 -19.86
N GLY A 178 -9.83 -4.94 -19.93
CA GLY A 178 -11.09 -5.63 -20.14
C GLY A 178 -11.66 -6.27 -18.87
N SER A 179 -11.02 -6.01 -17.73
CA SER A 179 -11.31 -6.62 -16.44
C SER A 179 -11.51 -5.55 -15.37
N THR A 180 -12.28 -5.87 -14.32
CA THR A 180 -12.29 -5.02 -13.14
C THR A 180 -10.97 -5.19 -12.37
N LEU A 181 -10.79 -4.37 -11.35
CA LEU A 181 -9.60 -4.37 -10.50
C LEU A 181 -9.30 -5.77 -9.96
N LEU A 182 -10.29 -6.39 -9.32
CA LEU A 182 -10.09 -7.69 -8.68
C LEU A 182 -9.83 -8.76 -9.74
N GLN A 183 -10.60 -8.71 -10.84
CA GLN A 183 -10.43 -9.66 -11.95
C GLN A 183 -9.01 -9.60 -12.48
N PHE A 184 -8.50 -8.38 -12.72
CA PHE A 184 -7.16 -8.23 -13.24
C PHE A 184 -6.10 -8.69 -12.20
N ALA A 185 -6.35 -8.38 -10.92
CA ALA A 185 -5.44 -8.74 -9.85
C ALA A 185 -5.30 -10.26 -9.78
N GLU A 186 -6.44 -10.96 -9.94
CA GLU A 186 -6.45 -12.44 -9.88
C GLU A 186 -5.78 -13.08 -11.10
N LYS A 187 -5.74 -12.37 -12.23
CA LYS A 187 -5.03 -12.83 -13.43
C LYS A 187 -3.52 -12.59 -13.30
N THR A 188 -3.14 -11.60 -12.49
CA THR A 188 -1.78 -11.08 -12.43
C THR A 188 -1.26 -11.03 -10.97
N LEU A 189 -1.21 -9.84 -10.37
CA LEU A 189 -0.51 -9.61 -9.11
C LEU A 189 -0.77 -10.68 -8.03
N PHE A 190 -2.05 -10.93 -7.75
CA PHE A 190 -2.44 -11.82 -6.68
C PHE A 190 -2.06 -13.25 -7.00
N SER A 191 -2.09 -13.62 -8.28
CA SER A 191 -1.66 -14.95 -8.70
C SER A 191 -0.16 -15.09 -8.61
N TRP A 192 0.56 -14.11 -9.17
CA TRP A 192 2.00 -14.18 -9.26
C TRP A 192 2.70 -14.14 -7.90
N LEU A 193 2.08 -13.44 -6.93
CA LEU A 193 2.62 -13.31 -5.58
C LEU A 193 1.95 -14.31 -4.60
N ASP A 194 1.12 -15.22 -5.13
CA ASP A 194 0.52 -16.28 -4.33
C ASP A 194 -0.20 -15.73 -3.10
N PHE A 195 -1.01 -14.68 -3.32
CA PHE A 195 -1.87 -14.14 -2.29
C PHE A 195 -2.94 -15.17 -1.88
N LYS A 196 -3.30 -15.15 -0.58
CA LYS A 196 -4.35 -16.01 -0.06
CA LYS A 196 -4.33 -16.03 -0.04
C LYS A 196 -5.27 -15.23 0.85
N ASP A 197 -6.55 -15.61 0.85
CA ASP A 197 -7.55 -15.07 1.77
C ASP A 197 -7.66 -13.55 1.63
N TYR A 198 -7.59 -13.05 0.40
CA TYR A 198 -7.88 -11.63 0.07
C TYR A 198 -9.37 -11.48 -0.24
N GLU A 199 -9.89 -10.28 -0.03
CA GLU A 199 -11.27 -9.92 -0.35
C GLU A 199 -11.23 -8.47 -0.82
N TRP A 200 -12.09 -8.12 -1.76
CA TRP A 200 -12.13 -6.74 -2.24
C TRP A 200 -13.56 -6.33 -2.42
N TYR A 201 -13.98 -5.29 -1.69
CA TYR A 201 -15.37 -4.75 -1.78
C TYR A 201 -15.75 -4.57 -3.24
N THR A 202 -16.89 -5.15 -3.62
CA THR A 202 -17.43 -5.09 -4.95
C THR A 202 -18.83 -4.47 -4.90
N SER A 203 -18.96 -3.31 -5.56
CA SER A 203 -20.21 -2.56 -5.66
C SER A 203 -21.25 -3.37 -6.41
N PRO A 204 -22.55 -3.01 -6.31
CA PRO A 204 -23.58 -3.64 -7.14
C PRO A 204 -23.26 -3.67 -8.65
N SER A 205 -22.62 -2.62 -9.18
CA SER A 205 -22.27 -2.57 -10.61
C SER A 205 -21.31 -3.67 -11.04
N GLY A 206 -20.57 -4.23 -10.07
CA GLY A 206 -19.52 -5.18 -10.33
C GLY A 206 -18.13 -4.58 -10.26
N ARG A 207 -18.05 -3.25 -10.18
CA ARG A 207 -16.76 -2.53 -10.04
C ARG A 207 -16.28 -2.60 -8.58
N GLN A 208 -15.00 -2.89 -8.36
CA GLN A 208 -14.40 -2.65 -7.07
C GLN A 208 -14.12 -1.19 -6.86
N THR A 209 -14.07 -0.81 -5.58
CA THR A 209 -13.60 0.53 -5.18
C THR A 209 -12.09 0.58 -5.25
N ALA A 210 -11.56 1.60 -5.94
CA ALA A 210 -10.11 1.69 -6.22
C ALA A 210 -9.31 2.20 -5.06
N GLY A 211 -9.95 2.98 -4.19
CA GLY A 211 -9.25 3.68 -3.11
C GLY A 211 -9.24 3.00 -1.76
N PHE A 212 -10.00 1.93 -1.61
CA PHE A 212 -10.26 1.27 -0.32
C PHE A 212 -11.03 -0.01 -0.61
N GLY A 213 -11.21 -0.84 0.42
CA GLY A 213 -12.10 -1.98 0.32
C GLY A 213 -11.41 -3.31 0.19
N LEU A 214 -10.08 -3.28 0.04
CA LEU A 214 -9.28 -4.51 -0.05
C LEU A 214 -8.91 -4.95 1.35
N ARG A 215 -9.00 -6.26 1.58
CA ARG A 215 -8.53 -6.93 2.82
C ARG A 215 -7.42 -7.93 2.42
N LEU A 216 -6.29 -7.88 3.13
CA LEU A 216 -5.12 -8.68 2.83
C LEU A 216 -4.55 -9.28 4.08
N ARG A 217 -3.85 -10.40 3.92
CA ARG A 217 -2.97 -10.97 4.97
C ARG A 217 -1.74 -10.09 5.09
N PRO A 218 -1.20 -9.88 6.31
CA PRO A 218 0.04 -9.12 6.44
C PRO A 218 1.19 -9.70 5.61
N VAL A 219 1.30 -11.03 5.52
CA VAL A 219 2.37 -11.62 4.73
C VAL A 219 2.26 -11.23 3.23
N ASP A 220 1.04 -10.98 2.77
CA ASP A 220 0.80 -10.63 1.38
C ASP A 220 1.15 -9.16 1.16
N MET A 221 0.85 -8.32 2.17
CA MET A 221 1.29 -6.93 2.17
C MET A 221 2.83 -6.87 2.06
N LEU A 222 3.50 -7.80 2.75
CA LEU A 222 4.96 -7.85 2.78
C LEU A 222 5.51 -8.16 1.37
N LYS A 223 4.87 -9.10 0.69
CA LYS A 223 5.23 -9.43 -0.70
C LYS A 223 5.08 -8.25 -1.65
N LEU A 224 4.03 -7.44 -1.47
CA LEU A 224 3.86 -6.23 -2.26
C LEU A 224 5.08 -5.32 -2.06
N GLY A 225 5.55 -5.20 -0.83
CA GLY A 225 6.73 -4.40 -0.55
C GLY A 225 7.97 -4.98 -1.22
N ILE A 226 8.10 -6.31 -1.15
CA ILE A 226 9.23 -7.01 -1.72
C ILE A 226 9.32 -6.73 -3.23
N LEU A 227 8.17 -6.73 -3.90
CA LEU A 227 8.10 -6.51 -5.33
C LEU A 227 8.75 -5.17 -5.71
N TYR A 228 8.46 -4.12 -4.94
CA TYR A 228 9.03 -2.77 -5.15
C TYR A 228 10.50 -2.73 -4.71
N LEU A 229 10.81 -3.37 -3.57
CA LEU A 229 12.17 -3.39 -3.07
C LEU A 229 13.12 -3.98 -4.13
N ASN A 230 12.65 -5.01 -4.84
CA ASN A 230 13.46 -5.69 -5.84
C ASN A 230 13.26 -5.15 -7.23
N ASN A 231 12.80 -3.90 -7.32
CA ASN A 231 12.75 -3.13 -8.55
C ASN A 231 11.90 -3.81 -9.60
N GLY A 232 10.79 -4.44 -9.15
CA GLY A 232 9.77 -4.97 -10.03
C GLY A 232 9.86 -6.44 -10.36
N ASN A 233 10.73 -7.16 -9.64
CA ASN A 233 10.97 -8.59 -9.76
C ASN A 233 10.49 -9.25 -8.48
N TYR A 234 9.69 -10.31 -8.60
CA TYR A 234 9.27 -11.19 -7.48
C TYR A 234 9.67 -12.65 -7.78
N LYS A 235 10.64 -13.16 -7.01
CA LYS A 235 11.10 -14.55 -7.10
C LYS A 235 11.47 -14.89 -8.54
N GLY A 236 12.16 -13.96 -9.20
CA GLY A 236 12.66 -14.14 -10.56
C GLY A 236 11.71 -13.81 -11.71
N LYS A 237 10.47 -13.43 -11.40
CA LYS A 237 9.51 -13.01 -12.40
C LYS A 237 9.44 -11.50 -12.48
N LYS A 238 9.66 -10.95 -13.68
CA LYS A 238 9.48 -9.54 -13.92
C LYS A 238 7.99 -9.22 -14.00
N ILE A 239 7.59 -8.25 -13.18
CA ILE A 239 6.20 -7.81 -13.02
C ILE A 239 5.98 -6.32 -13.28
N LEU A 240 6.93 -5.48 -12.87
CA LEU A 240 6.93 -4.04 -13.12
C LEU A 240 8.22 -3.63 -13.82
N LYS A 241 8.11 -2.67 -14.73
CA LYS A 241 9.28 -2.04 -15.32
C LYS A 241 9.99 -1.12 -14.32
N PRO A 242 11.32 -1.14 -14.26
CA PRO A 242 12.08 -0.17 -13.45
C PRO A 242 11.67 1.29 -13.74
N ASP A 243 11.38 1.62 -15.00
CA ASP A 243 11.02 2.98 -15.32
C ASP A 243 9.69 3.37 -14.68
N TRP A 244 8.78 2.41 -14.58
CA TRP A 244 7.49 2.65 -13.96
C TRP A 244 7.67 2.94 -12.46
N ILE A 245 8.49 2.13 -11.79
CA ILE A 245 8.76 2.31 -10.36
C ILE A 245 9.40 3.67 -10.11
N ARG A 246 10.38 4.03 -10.94
CA ARG A 246 11.05 5.37 -10.88
C ARG A 246 10.00 6.48 -10.93
N GLN A 247 9.07 6.42 -11.89
CA GLN A 247 8.02 7.44 -11.99
C GLN A 247 7.09 7.40 -10.81
N ALA A 248 6.74 6.19 -10.37
CA ALA A 248 5.77 6.02 -9.29
C ALA A 248 6.23 6.62 -7.98
N ILE A 249 7.55 6.61 -7.74
CA ILE A 249 8.09 7.17 -6.50
C ILE A 249 8.57 8.63 -6.59
N LYS A 250 8.41 9.24 -7.76
CA LYS A 250 8.74 10.64 -7.98
C LYS A 250 7.59 11.49 -7.47
N PRO A 251 7.83 12.47 -6.56
CA PRO A 251 6.79 13.42 -6.19
C PRO A 251 6.08 14.10 -7.37
N GLY A 252 4.75 14.21 -7.27
CA GLY A 252 3.90 14.84 -8.25
C GLY A 252 3.50 16.23 -7.79
N ALA A 253 2.19 16.46 -7.61
CA ALA A 253 1.66 17.74 -7.17
C ALA A 253 2.00 18.04 -5.72
N SER A 254 1.98 16.98 -4.91
CA SER A 254 2.45 16.97 -3.54
C SER A 254 3.92 16.57 -3.54
N GLN A 255 4.71 17.25 -2.72
CA GLN A 255 6.14 16.94 -2.56
C GLN A 255 6.42 15.54 -2.02
N ASN A 256 5.40 14.85 -1.50
CA ASN A 256 5.53 13.52 -0.93
CA ASN A 256 5.61 13.49 -1.02
C ASN A 256 4.60 12.45 -1.50
N TYR A 257 3.98 12.72 -2.64
CA TYR A 257 3.00 11.76 -3.20
C TYR A 257 3.27 11.49 -4.67
N GLY A 258 3.51 10.21 -4.98
CA GLY A 258 3.75 9.74 -6.34
C GLY A 258 2.52 9.12 -6.93
N TYR A 259 2.67 7.93 -7.49
CA TYR A 259 1.54 7.19 -8.14
C TYR A 259 0.83 6.40 -7.03
N GLN A 260 -0.07 7.05 -6.31
CA GLN A 260 -0.89 6.44 -5.27
C GLN A 260 -0.04 5.82 -4.16
N LEU A 261 1.02 6.53 -3.81
CA LEU A 261 1.90 6.10 -2.74
C LEU A 261 2.65 7.33 -2.25
N TRP A 262 3.18 7.22 -1.03
CA TRP A 262 3.85 8.30 -0.34
C TRP A 262 5.35 8.08 -0.33
N THR A 263 6.11 9.17 -0.39
CA THR A 263 7.53 9.11 -0.16
C THR A 263 7.80 9.53 1.28
N HIS A 264 8.92 9.06 1.80
CA HIS A 264 9.33 9.33 3.17
C HIS A 264 10.88 9.27 3.19
N GLN A 265 11.48 9.26 4.38
CA GLN A 265 12.90 9.13 4.50
C GLN A 265 13.26 8.42 5.79
N PHE A 266 14.40 7.74 5.77
CA PHE A 266 14.93 7.00 6.89
C PHE A 266 16.43 7.11 6.73
N GLU A 267 17.10 7.55 7.79
CA GLU A 267 18.53 7.79 7.79
C GLU A 267 18.87 8.82 6.71
N GLY A 268 17.95 9.74 6.45
CA GLY A 268 18.10 10.78 5.47
C GLY A 268 17.93 10.33 4.04
N LYS A 269 17.73 9.04 3.84
CA LYS A 269 17.61 8.47 2.49
C LYS A 269 16.18 8.21 2.09
N LYS A 270 15.94 8.23 0.77
CA LYS A 270 14.60 8.12 0.24
C LYS A 270 13.99 6.76 0.53
N THR A 271 12.78 6.79 1.09
CA THR A 271 11.94 5.61 1.25
C THR A 271 10.54 5.90 0.70
N PHE A 272 9.69 4.87 0.68
CA PHE A 272 8.33 5.04 0.19
C PHE A 272 7.43 4.03 0.85
N MET A 273 6.12 4.31 0.80
CA MET A 273 5.16 3.49 1.52
C MET A 273 3.76 3.57 0.93
N ALA A 274 3.03 2.45 1.06
CA ALA A 274 1.58 2.45 1.03
C ALA A 274 1.13 2.69 2.45
N ASN A 275 0.05 3.45 2.62
CA ASN A 275 -0.51 3.55 3.93
C ASN A 275 -1.99 3.78 3.93
N GLY A 276 -2.59 3.57 5.08
CA GLY A 276 -4.02 3.67 5.27
C GLY A 276 -4.39 4.16 6.65
N LYS A 277 -5.56 4.82 6.72
CA LYS A 277 -6.08 5.30 7.98
C LYS A 277 -6.15 4.18 9.02
N GLY A 278 -6.02 4.58 10.30
CA GLY A 278 -5.95 3.66 11.41
C GLY A 278 -4.57 3.03 11.65
N SER A 279 -3.58 3.47 10.86
CA SER A 279 -2.18 3.03 10.89
C SER A 279 -1.94 1.68 10.21
N GLN A 280 -2.26 1.61 8.91
CA GLN A 280 -1.86 0.49 8.05
C GLN A 280 -0.67 0.96 7.24
N PHE A 281 0.37 0.11 7.11
CA PHE A 281 1.58 0.48 6.37
C PHE A 281 2.19 -0.68 5.61
N VAL A 282 2.75 -0.35 4.43
CA VAL A 282 3.77 -1.17 3.74
C VAL A 282 4.89 -0.18 3.48
N TYR A 283 5.95 -0.27 4.28
CA TYR A 283 7.06 0.72 4.30
C TYR A 283 8.34 0.08 3.77
N VAL A 284 8.91 0.66 2.72
CA VAL A 284 10.02 0.06 2.00
C VAL A 284 11.26 0.93 2.19
N ILE A 285 12.37 0.29 2.60
CA ILE A 285 13.61 0.99 2.87
C ILE A 285 14.68 0.40 1.95
N PRO A 286 14.86 0.93 0.72
CA PRO A 286 15.75 0.31 -0.25
C PRO A 286 17.17 0.13 0.30
N HIS A 287 17.74 1.16 0.93
CA HIS A 287 19.15 1.08 1.27
C HIS A 287 19.47 0.10 2.40
N ARG A 288 18.44 -0.34 3.15
CA ARG A 288 18.56 -1.37 4.21
C ARG A 288 17.93 -2.70 3.78
N ARG A 289 17.41 -2.82 2.57
CA ARG A 289 16.73 -4.06 2.09
C ARG A 289 15.65 -4.47 3.10
N MET A 290 14.83 -3.52 3.55
CA MET A 290 13.80 -3.79 4.53
C MET A 290 12.42 -3.45 4.02
N VAL A 291 11.45 -4.21 4.50
CA VAL A 291 10.04 -3.90 4.38
C VAL A 291 9.42 -4.03 5.75
N ILE A 292 8.59 -3.05 6.13
CA ILE A 292 7.87 -3.09 7.39
C ILE A 292 6.38 -3.05 7.05
N VAL A 293 5.64 -4.03 7.59
CA VAL A 293 4.21 -4.10 7.41
C VAL A 293 3.50 -3.93 8.73
N VAL A 294 2.41 -3.16 8.73
CA VAL A 294 1.61 -2.93 9.93
C VAL A 294 0.13 -2.92 9.55
N THR A 295 -0.68 -3.62 10.36
CA THR A 295 -2.13 -3.43 10.39
C THR A 295 -2.54 -3.12 11.82
N SER A 296 -3.44 -2.13 11.94
CA SER A 296 -3.85 -1.56 13.21
C SER A 296 -5.28 -1.07 13.19
N ALA A 297 -5.75 -0.67 14.35
CA ALA A 297 -7.02 0.02 14.53
C ALA A 297 -6.81 1.19 15.51
N ILE A 298 -5.93 2.14 15.12
CA ILE A 298 -5.61 3.32 15.90
C ILE A 298 -6.36 4.52 15.31
N TRP A 299 -7.49 4.86 15.94
CA TRP A 299 -8.41 5.87 15.40
C TRP A 299 -8.28 7.23 16.06
N ASP A 300 -7.52 7.31 17.16
CA ASP A 300 -7.41 8.51 17.99
C ASP A 300 -6.03 9.17 17.91
N LYS A 301 -5.20 8.73 16.95
CA LYS A 301 -3.91 9.32 16.71
C LYS A 301 -3.63 9.35 15.22
N PRO A 302 -2.90 10.36 14.72
CA PRO A 302 -2.49 10.40 13.31
C PRO A 302 -1.57 9.20 13.03
N ILE A 303 -1.51 8.75 11.78
CA ILE A 303 -0.74 7.55 11.47
C ILE A 303 0.76 7.72 11.67
N ASN A 304 1.24 8.97 11.62
CA ASN A 304 2.65 9.22 11.80
C ASN A 304 3.13 8.84 13.21
N PHE A 305 2.20 8.82 14.18
CA PHE A 305 2.56 8.46 15.55
C PHE A 305 3.19 7.08 15.62
N LEU A 306 2.47 6.06 15.14
CA LEU A 306 2.99 4.71 15.19
C LEU A 306 4.21 4.56 14.24
N LEU A 307 4.14 5.15 13.05
CA LEU A 307 5.23 5.05 12.07
C LEU A 307 6.55 5.55 12.71
N ASP A 308 6.50 6.76 13.28
CA ASP A 308 7.68 7.36 13.91
C ASP A 308 8.23 6.52 15.05
N LYS A 309 7.33 5.96 15.87
CA LYS A 309 7.71 5.06 16.95
C LYS A 309 8.48 3.85 16.42
N ILE A 310 7.90 3.18 15.42
CA ILE A 310 8.51 2.01 14.83
C ILE A 310 9.88 2.35 14.24
N LEU A 311 9.95 3.42 13.45
CA LEU A 311 11.20 3.79 12.82
C LEU A 311 12.28 4.18 13.82
N GLU A 312 11.89 4.83 14.93
CA GLU A 312 12.84 5.18 15.98
C GLU A 312 13.49 3.93 16.52
N ASN A 313 12.66 2.92 16.84
CA ASN A 313 13.17 1.70 17.44
C ASN A 313 13.95 0.84 16.46
N VAL A 314 13.53 0.83 15.19
CA VAL A 314 14.26 0.13 14.13
C VAL A 314 15.65 0.73 13.94
N LYS A 315 15.73 2.07 13.96
CA LYS A 315 17.01 2.75 13.93
C LYS A 315 17.90 2.33 15.10
N GLU A 316 17.32 2.27 16.31
CA GLU A 316 18.06 1.86 17.51
C GLU A 316 18.59 0.43 17.28
N ALA A 317 17.75 -0.41 16.65
CA ALA A 317 18.11 -1.83 16.43
C ALA A 317 19.27 -1.96 15.45
N LEU A 318 19.33 -1.06 14.48
CA LEU A 318 20.40 -1.01 13.49
C LEU A 318 21.70 -0.45 14.04
N ASP A 319 21.61 0.59 14.87
CA ASP A 319 22.80 1.29 15.41
C ASP A 319 23.43 0.64 16.68
N SER A 320 22.64 -0.19 17.37
CA SER A 320 23.09 -0.83 18.60
C SER A 320 24.40 -1.60 18.42
N LYS A 321 25.28 -1.50 19.41
CA LYS A 321 26.49 -2.31 19.46
C LYS A 321 26.17 -3.78 19.82
N ASP A 322 25.03 -4.03 20.47
CA ASP A 322 24.69 -5.32 21.05
C ASP A 322 23.96 -6.21 20.05
N LYS A 323 24.71 -6.85 19.17
CA LYS A 323 24.13 -7.69 18.12
C LYS A 323 24.46 -9.18 18.21
N LYS A 324 25.06 -9.58 19.34
CA LYS A 324 25.46 -10.96 19.55
C LYS A 324 24.23 -11.79 19.94
N LYS A 325 24.18 -13.03 19.44
CA LYS A 325 23.13 -13.98 19.81
C LYS A 325 23.43 -14.54 21.21
N ILE A 326 22.52 -14.27 22.16
CA ILE A 326 22.63 -14.74 23.54
C ILE A 326 21.30 -15.36 23.92
N PRO A 327 21.26 -16.57 24.52
CA PRO A 327 20.00 -17.23 24.85
C PRO A 327 19.02 -16.32 25.59
N GLU A 328 19.52 -15.56 26.57
CA GLU A 328 18.69 -14.64 27.34
C GLU A 328 17.94 -13.66 26.43
N LYS A 329 18.61 -13.19 25.37
CA LYS A 329 18.02 -12.22 24.45
C LYS A 329 16.94 -12.88 23.57
N GLU A 330 17.22 -14.10 23.10
CA GLU A 330 16.22 -14.87 22.37
C GLU A 330 14.93 -15.05 23.18
N THR A 331 15.08 -15.46 24.45
CA THR A 331 13.95 -15.72 25.35
C THR A 331 13.09 -14.50 25.58
N ARG A 332 13.72 -13.36 25.89
CA ARG A 332 12.99 -12.07 26.12
C ARG A 332 12.27 -11.68 24.83
N PHE A 333 12.89 -11.92 23.69
CA PHE A 333 12.27 -11.61 22.42
C PHE A 333 11.04 -12.51 22.21
N LEU A 334 11.24 -13.83 22.31
CA LEU A 334 10.16 -14.81 22.11
C LEU A 334 9.02 -14.63 23.12
N GLU A 335 9.37 -14.28 24.37
CA GLU A 335 8.37 -14.08 25.43
C GLU A 335 7.54 -12.82 25.21
N GLU A 336 8.18 -11.75 24.73
CA GLU A 336 7.46 -10.52 24.39
C GLU A 336 6.51 -10.78 23.22
N ILE A 337 6.97 -11.50 22.19
CA ILE A 337 6.11 -11.81 21.02
C ILE A 337 4.90 -12.64 21.45
N HIS A 338 5.13 -13.60 22.35
CA HIS A 338 4.08 -14.42 22.94
C HIS A 338 3.07 -13.54 23.70
N GLU A 339 3.58 -12.62 24.52
CA GLU A 339 2.74 -11.73 25.32
C GLU A 339 1.81 -10.89 24.45
N ALA A 340 2.37 -10.34 23.37
CA ALA A 340 1.61 -9.56 22.43
C ALA A 340 0.45 -10.40 21.87
N SER A 341 0.70 -11.69 21.66
CA SER A 341 -0.30 -12.60 21.10
C SER A 341 -1.47 -12.89 22.04
N LEU A 342 -1.31 -12.60 23.34
CA LEU A 342 -2.34 -12.84 24.35
C LEU A 342 -3.21 -11.61 24.62
#